data_6Z4K
#
_entry.id   6Z4K
#
_cell.length_a   38.240
_cell.length_b   68.320
_cell.length_c   50.980
_cell.angle_alpha   90.000
_cell.angle_beta   106.170
_cell.angle_gamma   90.000
#
_symmetry.space_group_name_H-M   'P 1 21 1'
#
loop_
_entity.id
_entity.type
_entity.pdbx_description
1 polymer 'Superoxide dismutase [Cu-Zn]'
2 non-polymer ~{N}-[(3-methoxyphenyl)methyl]-2-selanyl-benzamide
3 non-polymer 'ZINC ION'
4 non-polymer 'CHLORIDE ION'
5 water water
#
_entity_poly.entity_id   1
_entity_poly.type   'polypeptide(L)'
_entity_poly.pdbx_seq_one_letter_code
;ATKVVCVLKGDGPVQGIINFEQKESNGPVKVWGSIKGLTEGLHGFHVHEFGDNTAGCTSAGPHFNPLSRKHGGPKDEERH
VGDLGNVTADKDGVADVSIEDSVISLSGDHCIIGRTLVVHEKADDLGKGGNEESTKTGNAGSRLACGVIGIAQ
;
_entity_poly.pdbx_strand_id   AAA,BBB
#
loop_
_chem_comp.id
_chem_comp.type
_chem_comp.name
_chem_comp.formula
CL non-polymer 'CHLORIDE ION' 'Cl -1'
Q7N non-polymer ~{N}-[(3-methoxyphenyl)methyl]-2-selanyl-benzamide 'C15 H15 N O2 Se'
ZN non-polymer 'ZINC ION' 'Zn 2'
#
# COMPACT_ATOMS: atom_id res chain seq x y z
N ALA A 1 14.50 -11.55 7.15
CA ALA A 1 15.40 -10.57 6.47
C ALA A 1 14.61 -9.52 5.69
N THR A 2 13.49 -9.89 5.04
CA THR A 2 12.57 -8.91 4.43
C THR A 2 11.27 -8.97 5.22
N LYS A 3 10.74 -7.81 5.56
CA LYS A 3 9.51 -7.67 6.35
C LYS A 3 8.52 -6.75 5.67
N VAL A 4 7.28 -7.20 5.55
CA VAL A 4 6.19 -6.36 4.98
C VAL A 4 4.95 -6.44 5.87
N VAL A 5 4.05 -5.50 5.68
CA VAL A 5 2.93 -5.35 6.65
C VAL A 5 1.69 -4.88 5.92
N CYS A 6 0.53 -5.21 6.44
CA CYS A 6 -0.72 -4.74 5.84
C CYS A 6 -1.70 -4.41 6.95
N VAL A 7 -2.29 -3.25 6.90
CA VAL A 7 -3.39 -2.85 7.81
C VAL A 7 -4.72 -3.11 7.09
N LEU A 8 -5.58 -3.95 7.65
CA LEU A 8 -6.88 -4.30 7.02
C LEU A 8 -7.95 -3.37 7.63
N LYS A 9 -8.66 -2.70 6.78
CA LYS A 9 -9.81 -1.83 7.17
C LYS A 9 -10.89 -1.95 6.11
N GLY A 10 -12.12 -1.71 6.53
CA GLY A 10 -13.21 -1.65 5.54
C GLY A 10 -14.35 -0.79 6.03
N ASP A 11 -15.53 -1.05 5.49
CA ASP A 11 -16.75 -0.22 5.65
C ASP A 11 -17.46 -0.60 6.96
N GLY A 12 -17.16 -1.77 7.50
CA GLY A 12 -17.87 -2.28 8.68
C GLY A 12 -16.93 -2.45 9.85
N PRO A 13 -17.15 -3.47 10.70
CA PRO A 13 -16.34 -3.63 11.90
C PRO A 13 -15.01 -4.38 11.75
N VAL A 14 -14.75 -4.95 10.58
CA VAL A 14 -13.56 -5.82 10.42
C VAL A 14 -12.28 -4.99 10.29
N GLN A 15 -11.33 -5.28 11.17
CA GLN A 15 -10.01 -4.61 11.08
C GLN A 15 -8.95 -5.60 11.51
N GLY A 16 -7.74 -5.41 11.04
CA GLY A 16 -6.63 -6.27 11.45
C GLY A 16 -5.29 -5.69 11.08
N ILE A 17 -4.25 -6.39 11.50
CA ILE A 17 -2.84 -6.08 11.17
C ILE A 17 -2.19 -7.42 10.82
N ILE A 18 -1.61 -7.49 9.63
CA ILE A 18 -0.94 -8.72 9.16
C ILE A 18 0.50 -8.41 8.85
N ASN A 19 1.40 -9.27 9.34
CA ASN A 19 2.85 -9.14 9.13
C ASN A 19 3.28 -10.28 8.20
N PHE A 20 4.26 -10.01 7.35
CA PHE A 20 4.91 -11.03 6.50
C PHE A 20 6.41 -10.94 6.68
N GLU A 21 7.09 -12.08 6.81
CA GLU A 21 8.56 -12.05 6.90
C GLU A 21 9.14 -13.20 6.07
N GLN A 22 10.21 -12.91 5.33
CA GLN A 22 10.91 -13.90 4.50
C GLN A 22 12.41 -13.81 4.82
N LYS A 23 12.97 -14.91 5.31
CA LYS A 23 14.40 -14.95 5.71
C LYS A 23 15.28 -15.04 4.47
N GLU A 24 14.90 -15.80 3.45
CA GLU A 24 15.74 -16.01 2.24
C GLU A 24 14.93 -15.67 1.01
N SER A 25 15.56 -15.22 -0.06
CA SER A 25 14.82 -14.78 -1.26
C SER A 25 14.06 -15.99 -1.83
N ASN A 26 14.57 -17.20 -1.61
CA ASN A 26 13.92 -18.40 -2.19
C ASN A 26 13.02 -19.04 -1.13
N GLY A 27 12.79 -18.37 -0.02
CA GLY A 27 12.34 -19.12 1.16
C GLY A 27 10.84 -18.91 1.42
N PRO A 28 10.29 -19.70 2.35
CA PRO A 28 8.92 -19.52 2.79
C PRO A 28 8.72 -18.16 3.43
N VAL A 29 7.50 -17.69 3.30
CA VAL A 29 7.05 -16.42 3.92
C VAL A 29 6.20 -16.82 5.13
N LYS A 30 6.54 -16.30 6.27
CA LYS A 30 5.72 -16.42 7.49
C LYS A 30 4.74 -15.24 7.52
N VAL A 31 3.48 -15.53 7.81
CA VAL A 31 2.36 -14.58 7.81
C VAL A 31 1.73 -14.66 9.20
N TRP A 32 1.65 -13.57 9.94
CA TRP A 32 1.06 -13.62 11.29
C TRP A 32 0.37 -12.31 11.62
N GLY A 33 -0.60 -12.39 12.50
CA GLY A 33 -1.26 -11.17 12.95
C GLY A 33 -2.62 -11.51 13.48
N SER A 34 -3.48 -10.51 13.58
CA SER A 34 -4.83 -10.77 14.10
C SER A 34 -5.82 -9.90 13.36
N ILE A 35 -7.03 -10.42 13.23
CA ILE A 35 -8.18 -9.72 12.61
C ILE A 35 -9.34 -9.84 13.58
N LYS A 36 -10.11 -8.78 13.77
CA LYS A 36 -11.27 -8.81 14.68
C LYS A 36 -12.50 -8.29 13.96
N GLY A 37 -13.67 -8.51 14.55
CA GLY A 37 -14.94 -8.05 13.98
C GLY A 37 -15.54 -9.05 13.02
N LEU A 38 -15.08 -10.31 13.02
CA LEU A 38 -15.52 -11.32 12.03
C LEU A 38 -16.63 -12.19 12.62
N THR A 39 -17.45 -12.77 11.77
CA THR A 39 -18.35 -13.84 12.17
C THR A 39 -17.52 -15.10 12.41
N GLU A 40 -17.95 -15.90 13.37
N GLU A 40 -17.95 -15.92 13.37
CA GLU A 40 -17.18 -17.11 13.73
CA GLU A 40 -17.21 -17.15 13.72
C GLU A 40 -17.12 -18.05 12.51
C GLU A 40 -17.12 -18.05 12.48
N GLY A 41 -15.95 -18.65 12.26
CA GLY A 41 -15.75 -19.61 11.17
C GLY A 41 -14.74 -19.14 10.14
N LEU A 42 -14.82 -19.70 8.95
CA LEU A 42 -13.74 -19.50 7.94
C LEU A 42 -14.00 -18.23 7.10
N HIS A 43 -12.91 -17.51 6.79
CA HIS A 43 -12.99 -16.30 5.94
C HIS A 43 -11.89 -16.36 4.92
N GLY A 44 -12.26 -16.26 3.67
CA GLY A 44 -11.27 -16.35 2.58
C GLY A 44 -10.24 -15.23 2.73
N PHE A 45 -9.00 -15.55 2.39
CA PHE A 45 -7.86 -14.69 2.71
C PHE A 45 -6.99 -14.68 1.49
N HIS A 46 -6.93 -13.53 0.81
CA HIS A 46 -6.31 -13.51 -0.52
C HIS A 46 -5.48 -12.27 -0.75
N VAL A 47 -4.40 -12.45 -1.53
CA VAL A 47 -3.75 -11.29 -2.15
C VAL A 47 -4.38 -11.04 -3.53
N HIS A 48 -4.97 -9.86 -3.68
CA HIS A 48 -5.61 -9.41 -4.94
C HIS A 48 -4.61 -8.62 -5.76
N GLU A 49 -4.90 -8.45 -7.04
CA GLU A 49 -3.92 -8.03 -8.05
C GLU A 49 -3.53 -6.56 -7.87
N PHE A 50 -4.46 -5.67 -7.54
CA PHE A 50 -4.14 -4.24 -7.54
C PHE A 50 -4.06 -3.72 -6.12
N GLY A 51 -3.01 -2.97 -5.82
CA GLY A 51 -2.92 -2.17 -4.58
C GLY A 51 -3.69 -0.87 -4.72
N ASP A 52 -4.91 -0.96 -5.25
CA ASP A 52 -5.80 0.17 -5.60
C ASP A 52 -6.95 0.11 -4.63
N ASN A 53 -6.96 1.00 -3.66
CA ASN A 53 -8.09 1.06 -2.69
C ASN A 53 -8.89 2.36 -2.90
N THR A 54 -8.78 2.94 -4.07
CA THR A 54 -9.45 4.24 -4.39
C THR A 54 -10.96 4.12 -4.17
N ALA A 55 -11.60 3.01 -4.46
CA ALA A 55 -13.06 2.89 -4.22
C ALA A 55 -13.32 1.82 -3.18
N GLY A 56 -12.41 1.70 -2.22
CA GLY A 56 -12.49 0.62 -1.24
C GLY A 56 -11.93 -0.67 -1.82
N CYS A 57 -12.35 -1.79 -1.25
CA CYS A 57 -11.74 -3.08 -1.59
C CYS A 57 -12.09 -3.54 -3.00
N THR A 58 -13.15 -3.02 -3.58
N THR A 58 -13.17 -3.03 -3.58
CA THR A 58 -13.55 -3.53 -4.91
CA THR A 58 -13.57 -3.48 -4.94
C THR A 58 -12.51 -3.16 -5.98
C THR A 58 -12.48 -3.12 -5.97
N SER A 59 -11.81 -2.04 -5.83
N SER A 59 -11.79 -2.00 -5.79
CA SER A 59 -10.82 -1.59 -6.84
CA SER A 59 -10.79 -1.54 -6.80
C SER A 59 -9.57 -2.50 -6.86
C SER A 59 -9.58 -2.50 -6.86
N ALA A 60 -9.46 -3.44 -5.94
CA ALA A 60 -8.27 -4.32 -5.87
C ALA A 60 -8.29 -5.35 -7.00
N GLY A 61 -9.42 -5.54 -7.68
CA GLY A 61 -9.46 -6.48 -8.78
C GLY A 61 -9.45 -7.94 -8.30
N PRO A 62 -9.11 -8.88 -9.21
CA PRO A 62 -9.22 -10.31 -8.95
C PRO A 62 -8.02 -10.81 -8.14
N HIS A 63 -7.94 -12.10 -7.90
CA HIS A 63 -6.80 -12.66 -7.15
C HIS A 63 -5.51 -12.42 -7.91
N PHE A 64 -4.43 -12.13 -7.21
CA PHE A 64 -3.08 -11.99 -7.81
C PHE A 64 -2.69 -13.31 -8.44
N ASN A 65 -2.44 -13.28 -9.76
CA ASN A 65 -2.35 -14.52 -10.56
C ASN A 65 -1.33 -14.33 -11.66
N PRO A 66 -0.09 -13.97 -11.33
CA PRO A 66 0.92 -13.71 -12.35
C PRO A 66 1.17 -14.94 -13.24
N LEU A 67 0.91 -16.14 -12.73
CA LEU A 67 1.22 -17.41 -13.47
C LEU A 67 -0.01 -17.97 -14.16
N SER A 68 -1.12 -17.23 -14.26
CA SER A 68 -2.30 -17.63 -15.08
C SER A 68 -2.79 -19.03 -14.76
N ARG A 69 -3.01 -19.29 -13.48
CA ARG A 69 -3.53 -20.59 -13.02
C ARG A 69 -4.97 -20.41 -12.61
N LYS A 70 -5.66 -21.50 -12.30
CA LYS A 70 -6.99 -21.50 -11.66
C LYS A 70 -6.86 -21.34 -10.14
N HIS A 71 -7.97 -20.99 -9.50
CA HIS A 71 -8.05 -20.83 -8.04
C HIS A 71 -7.88 -22.17 -7.33
N GLY A 72 -7.20 -22.15 -6.21
CA GLY A 72 -7.12 -23.30 -5.31
C GLY A 72 -6.77 -22.92 -3.92
N GLY A 73 -6.44 -23.89 -3.09
CA GLY A 73 -6.00 -23.64 -1.72
C GLY A 73 -4.50 -23.48 -1.71
N PRO A 74 -3.94 -22.99 -0.59
CA PRO A 74 -2.52 -22.70 -0.48
C PRO A 74 -1.65 -23.94 -0.66
N LYS A 75 -2.22 -25.09 -0.32
CA LYS A 75 -1.46 -26.36 -0.36
C LYS A 75 -1.75 -27.10 -1.66
N ASP A 76 -2.31 -26.43 -2.65
CA ASP A 76 -2.50 -26.96 -4.01
C ASP A 76 -1.42 -26.46 -4.96
N GLU A 77 -1.00 -27.31 -5.90
CA GLU A 77 -0.17 -26.84 -7.03
C GLU A 77 -0.98 -25.89 -7.89
N GLU A 78 -2.22 -26.25 -8.17
CA GLU A 78 -3.09 -25.43 -9.04
C GLU A 78 -3.73 -24.34 -8.19
N ARG A 79 -3.04 -23.21 -8.08
CA ARG A 79 -3.53 -22.07 -7.26
C ARG A 79 -3.06 -20.78 -7.88
N HIS A 80 -3.73 -19.69 -7.56
CA HIS A 80 -3.18 -18.35 -7.82
C HIS A 80 -2.07 -18.09 -6.81
N VAL A 81 -1.09 -17.29 -7.15
CA VAL A 81 -0.09 -16.82 -6.17
C VAL A 81 -0.80 -16.23 -4.95
N GLY A 82 -1.88 -15.49 -5.13
CA GLY A 82 -2.51 -14.83 -3.96
C GLY A 82 -3.43 -15.73 -3.15
N ASP A 83 -3.49 -17.02 -3.44
CA ASP A 83 -4.44 -17.92 -2.75
C ASP A 83 -3.89 -18.36 -1.39
N LEU A 84 -4.24 -17.69 -0.30
CA LEU A 84 -3.79 -18.02 1.06
C LEU A 84 -4.88 -18.72 1.85
N GLY A 85 -5.91 -19.26 1.19
CA GLY A 85 -6.91 -20.09 1.85
C GLY A 85 -7.86 -19.29 2.74
N ASN A 86 -7.97 -19.70 4.01
CA ASN A 86 -8.95 -19.12 4.95
C ASN A 86 -8.25 -18.80 6.25
N VAL A 87 -8.71 -17.76 6.92
CA VAL A 87 -8.38 -17.55 8.34
C VAL A 87 -9.63 -17.93 9.12
N THR A 88 -9.44 -18.24 10.41
CA THR A 88 -10.55 -18.75 11.26
C THR A 88 -10.80 -17.82 12.41
N ALA A 89 -12.02 -17.28 12.47
CA ALA A 89 -12.46 -16.46 13.60
C ALA A 89 -13.15 -17.35 14.63
N ASP A 90 -12.85 -17.08 15.89
CA ASP A 90 -13.47 -17.73 17.07
C ASP A 90 -14.82 -17.08 17.39
N LYS A 91 -15.44 -17.52 18.46
CA LYS A 91 -16.73 -16.95 18.89
C LYS A 91 -16.59 -15.52 19.36
N ASP A 92 -15.40 -15.00 19.57
CA ASP A 92 -15.25 -13.57 19.93
C ASP A 92 -15.13 -12.75 18.63
N GLY A 93 -15.06 -13.42 17.50
CA GLY A 93 -14.90 -12.74 16.20
C GLY A 93 -13.44 -12.44 15.93
N VAL A 94 -12.53 -13.13 16.58
CA VAL A 94 -11.07 -12.87 16.43
C VAL A 94 -10.41 -14.02 15.67
N ALA A 95 -9.70 -13.66 14.60
CA ALA A 95 -8.82 -14.61 13.90
C ALA A 95 -7.38 -14.32 14.26
N ASP A 96 -6.69 -15.32 14.80
CA ASP A 96 -5.25 -15.24 15.05
C ASP A 96 -4.58 -15.93 13.87
N VAL A 97 -3.90 -15.13 13.04
CA VAL A 97 -3.40 -15.63 11.75
C VAL A 97 -1.99 -16.15 11.96
N SER A 98 -1.77 -17.36 11.50
CA SER A 98 -0.42 -17.98 11.53
C SER A 98 -0.31 -18.90 10.32
N ILE A 99 0.35 -18.41 9.28
CA ILE A 99 0.45 -19.11 7.96
C ILE A 99 1.93 -19.16 7.57
N GLU A 100 2.37 -20.23 6.95
CA GLU A 100 3.67 -20.26 6.28
C GLU A 100 3.38 -20.65 4.84
N ASP A 101 3.86 -19.86 3.90
CA ASP A 101 3.54 -20.15 2.47
C ASP A 101 4.81 -20.11 1.65
N SER A 102 4.93 -21.04 0.70
CA SER A 102 6.11 -21.21 -0.16
C SER A 102 5.93 -20.61 -1.54
N VAL A 103 4.75 -20.09 -1.85
CA VAL A 103 4.43 -19.60 -3.20
C VAL A 103 4.52 -18.08 -3.26
N ILE A 104 3.86 -17.41 -2.35
CA ILE A 104 4.07 -15.93 -2.29
C ILE A 104 5.55 -15.69 -1.94
N SER A 105 6.01 -14.50 -2.32
CA SER A 105 7.35 -14.03 -2.03
C SER A 105 7.33 -12.55 -1.68
N LEU A 106 8.45 -12.09 -1.11
CA LEU A 106 8.66 -10.65 -0.88
C LEU A 106 9.73 -10.11 -1.83
N SER A 107 10.06 -10.86 -2.87
N SER A 107 10.08 -10.86 -2.87
CA SER A 107 10.89 -10.36 -4.00
CA SER A 107 10.89 -10.35 -3.99
C SER A 107 10.49 -11.04 -5.30
C SER A 107 10.49 -11.04 -5.30
N GLY A 108 10.88 -10.45 -6.42
CA GLY A 108 10.67 -11.11 -7.72
C GLY A 108 9.22 -11.10 -8.21
N ASP A 109 8.92 -11.92 -9.19
CA ASP A 109 7.61 -11.88 -9.88
C ASP A 109 6.49 -12.47 -9.00
N HIS A 110 6.83 -13.19 -7.95
CA HIS A 110 5.81 -13.67 -6.98
C HIS A 110 5.62 -12.64 -5.91
N CYS A 111 6.25 -11.47 -6.01
CA CYS A 111 6.26 -10.55 -4.85
C CYS A 111 4.86 -9.97 -4.65
N ILE A 112 4.45 -9.86 -3.40
CA ILE A 112 3.09 -9.35 -3.06
C ILE A 112 3.11 -7.86 -2.64
N ILE A 113 4.25 -7.23 -2.58
CA ILE A 113 4.38 -5.79 -2.21
C ILE A 113 3.58 -4.98 -3.22
N GLY A 114 2.79 -4.05 -2.73
CA GLY A 114 2.04 -3.14 -3.58
C GLY A 114 0.76 -3.75 -4.07
N ARG A 115 0.42 -4.97 -3.65
CA ARG A 115 -0.86 -5.63 -3.97
C ARG A 115 -1.77 -5.40 -2.75
N THR A 116 -2.98 -5.92 -2.79
CA THR A 116 -3.92 -5.77 -1.68
C THR A 116 -4.17 -7.11 -0.99
N LEU A 117 -4.19 -7.11 0.33
CA LEU A 117 -4.63 -8.31 1.11
C LEU A 117 -6.10 -8.10 1.45
N VAL A 118 -6.95 -9.08 1.20
CA VAL A 118 -8.39 -8.97 1.44
C VAL A 118 -8.82 -10.12 2.37
N VAL A 119 -9.64 -9.79 3.34
CA VAL A 119 -10.39 -10.81 4.12
C VAL A 119 -11.86 -10.76 3.76
N HIS A 120 -12.38 -11.93 3.44
CA HIS A 120 -13.68 -12.09 2.80
C HIS A 120 -14.79 -12.47 3.80
N GLU A 121 -16.03 -12.29 3.34
CA GLU A 121 -17.30 -12.52 4.07
C GLU A 121 -17.47 -14.01 4.41
N LYS A 122 -17.12 -14.86 3.45
CA LYS A 122 -17.49 -16.30 3.47
C LYS A 122 -16.21 -17.15 3.41
N ALA A 123 -16.35 -18.47 3.60
CA ALA A 123 -15.25 -19.40 3.43
C ALA A 123 -14.89 -19.48 1.96
N ASP A 124 -13.60 -19.52 1.70
CA ASP A 124 -13.02 -19.97 0.43
C ASP A 124 -13.13 -21.48 0.34
N ASP A 125 -13.77 -21.97 -0.70
CA ASP A 125 -13.97 -23.45 -0.86
C ASP A 125 -12.73 -24.08 -1.50
N LEU A 126 -11.68 -23.31 -1.71
CA LEU A 126 -10.35 -23.79 -2.16
C LEU A 126 -10.47 -24.47 -3.52
N GLY A 127 -11.43 -24.05 -4.32
CA GLY A 127 -11.62 -24.52 -5.69
C GLY A 127 -12.25 -25.91 -5.72
N LYS A 128 -12.86 -26.36 -4.61
CA LYS A 128 -13.41 -27.74 -4.53
C LYS A 128 -14.93 -27.65 -4.47
N GLY A 129 -15.49 -26.47 -4.71
CA GLY A 129 -16.93 -26.23 -4.55
C GLY A 129 -17.71 -26.80 -5.72
N GLY A 130 -17.02 -27.13 -6.81
CA GLY A 130 -17.62 -27.85 -7.94
C GLY A 130 -18.40 -26.95 -8.89
N ASN A 131 -18.62 -25.66 -8.57
CA ASN A 131 -19.29 -24.74 -9.52
C ASN A 131 -18.23 -23.95 -10.26
N GLU A 132 -18.63 -23.18 -11.26
CA GLU A 132 -17.64 -22.46 -12.09
C GLU A 132 -16.92 -21.41 -11.22
N GLU A 133 -17.63 -20.72 -10.33
CA GLU A 133 -17.01 -19.66 -9.50
C GLU A 133 -15.93 -20.23 -8.56
N SER A 134 -16.04 -21.49 -8.16
CA SER A 134 -15.08 -22.12 -7.22
C SER A 134 -13.65 -21.98 -7.76
N THR A 135 -13.43 -22.14 -9.06
CA THR A 135 -12.04 -22.16 -9.60
C THR A 135 -11.64 -20.76 -10.06
N LYS A 136 -12.36 -19.74 -9.60
CA LYS A 136 -11.98 -18.33 -9.86
C LYS A 136 -11.83 -17.58 -8.55
N THR A 137 -12.84 -17.62 -7.70
CA THR A 137 -12.88 -16.81 -6.47
C THR A 137 -12.96 -17.72 -5.25
N GLY A 138 -13.32 -19.00 -5.41
CA GLY A 138 -13.58 -19.86 -4.24
C GLY A 138 -14.88 -19.56 -3.52
N ASN A 139 -15.74 -18.74 -4.11
CA ASN A 139 -17.07 -18.42 -3.53
C ASN A 139 -16.90 -17.78 -2.15
N ALA A 140 -15.90 -16.91 -1.95
CA ALA A 140 -15.65 -16.33 -0.61
C ALA A 140 -16.49 -15.06 -0.36
N GLY A 141 -17.28 -14.62 -1.31
CA GLY A 141 -18.21 -13.53 -1.06
C GLY A 141 -17.49 -12.20 -0.93
N SER A 142 -18.15 -11.25 -0.29
CA SER A 142 -17.75 -9.84 -0.35
C SER A 142 -16.43 -9.63 0.39
N ARG A 143 -15.90 -8.44 0.21
CA ARG A 143 -14.61 -8.00 0.74
C ARG A 143 -14.84 -7.18 1.99
N LEU A 144 -14.57 -7.76 3.14
CA LEU A 144 -14.95 -7.12 4.43
C LEU A 144 -13.91 -6.10 4.84
N ALA A 145 -12.64 -6.38 4.55
CA ALA A 145 -11.57 -5.43 4.89
C ALA A 145 -10.40 -5.74 3.98
N CYS A 146 -9.56 -4.75 3.82
CA CYS A 146 -8.40 -4.87 2.91
C CYS A 146 -7.39 -3.78 3.23
N GLY A 147 -6.20 -3.96 2.68
CA GLY A 147 -5.16 -2.95 2.76
C GLY A 147 -4.06 -3.20 1.77
N VAL A 148 -3.29 -2.17 1.46
CA VAL A 148 -2.16 -2.32 0.52
C VAL A 148 -1.01 -2.92 1.30
N ILE A 149 -0.29 -3.84 0.71
CA ILE A 149 0.84 -4.56 1.33
C ILE A 149 2.11 -3.73 1.17
N GLY A 150 2.66 -3.24 2.27
CA GLY A 150 3.76 -2.27 2.28
C GLY A 150 5.05 -2.79 2.86
N ILE A 151 6.13 -2.11 2.51
CA ILE A 151 7.49 -2.41 3.02
C ILE A 151 7.56 -2.00 4.49
N ALA A 152 8.03 -2.90 5.35
CA ALA A 152 8.22 -2.62 6.77
C ALA A 152 9.71 -2.52 7.08
N GLN A 153 9.99 -1.89 8.22
CA GLN A 153 11.35 -1.72 8.76
C GLN A 153 11.87 -3.07 9.21
N ALA B 1 3.30 2.73 -19.20
CA ALA B 1 3.32 1.27 -19.02
C ALA B 1 3.05 0.90 -17.55
N THR B 2 3.52 1.66 -16.56
CA THR B 2 3.30 1.31 -15.14
C THR B 2 2.43 2.38 -14.50
N LYS B 3 1.42 1.95 -13.75
CA LYS B 3 0.48 2.88 -13.08
C LYS B 3 0.36 2.45 -11.65
N VAL B 4 0.55 3.39 -10.74
CA VAL B 4 0.38 3.14 -9.29
C VAL B 4 -0.51 4.23 -8.71
N VAL B 5 -1.05 3.94 -7.55
CA VAL B 5 -2.08 4.85 -6.97
C VAL B 5 -1.91 4.88 -5.44
N CYS B 6 -2.40 5.92 -4.82
CA CYS B 6 -2.34 6.08 -3.37
C CYS B 6 -3.61 6.77 -2.92
N VAL B 7 -4.26 6.21 -1.90
CA VAL B 7 -5.39 6.89 -1.20
C VAL B 7 -4.84 7.55 0.07
N LEU B 8 -4.97 8.86 0.18
CA LEU B 8 -4.49 9.62 1.38
C LEU B 8 -5.64 9.73 2.37
N LYS B 9 -5.43 9.26 3.60
CA LYS B 9 -6.36 9.40 4.76
C LYS B 9 -5.56 9.63 6.04
N GLY B 10 -6.23 10.02 7.13
CA GLY B 10 -5.51 10.25 8.40
C GLY B 10 -6.45 10.35 9.56
N ASP B 11 -6.00 11.00 10.64
CA ASP B 11 -6.76 11.20 11.89
C ASP B 11 -7.66 12.44 11.76
N GLY B 12 -7.45 13.26 10.74
CA GLY B 12 -8.24 14.48 10.52
C GLY B 12 -9.15 14.33 9.31
N PRO B 13 -9.63 15.45 8.72
CA PRO B 13 -10.48 15.46 7.52
C PRO B 13 -9.81 15.60 6.13
N VAL B 14 -8.51 15.39 6.09
CA VAL B 14 -7.75 15.46 4.82
C VAL B 14 -7.90 14.13 4.10
N GLN B 15 -8.33 14.18 2.86
CA GLN B 15 -8.38 12.94 2.05
C GLN B 15 -8.04 13.26 0.62
N GLY B 16 -7.43 12.29 -0.05
CA GLY B 16 -6.95 12.52 -1.41
C GLY B 16 -6.77 11.23 -2.19
N ILE B 17 -6.64 11.38 -3.47
CA ILE B 17 -6.33 10.31 -4.44
C ILE B 17 -5.19 10.79 -5.31
N ILE B 18 -4.09 10.04 -5.36
CA ILE B 18 -2.91 10.44 -6.16
C ILE B 18 -2.57 9.30 -7.08
N ASN B 19 -2.43 9.61 -8.35
CA ASN B 19 -2.05 8.68 -9.42
C ASN B 19 -0.59 8.91 -9.78
N PHE B 20 0.14 7.85 -10.10
CA PHE B 20 1.49 7.93 -10.66
C PHE B 20 1.54 7.11 -11.94
N GLU B 21 2.12 7.65 -13.00
CA GLU B 21 2.23 6.89 -14.26
C GLU B 21 3.62 7.03 -14.86
N GLN B 22 4.20 5.94 -15.32
CA GLN B 22 5.55 5.92 -15.89
C GLN B 22 5.50 5.15 -17.21
N LYS B 23 5.81 5.82 -18.30
CA LYS B 23 5.71 5.23 -19.67
C LYS B 23 6.81 4.20 -19.91
N GLU B 24 8.04 4.47 -19.46
CA GLU B 24 9.23 3.60 -19.64
C GLU B 24 9.91 3.45 -18.29
N SER B 25 10.62 2.36 -18.03
CA SER B 25 11.35 2.22 -16.74
C SER B 25 12.36 3.36 -16.62
N ASN B 26 12.79 3.91 -17.75
CA ASN B 26 13.83 4.97 -17.78
C ASN B 26 13.17 6.35 -17.71
N GLY B 27 11.85 6.43 -17.58
CA GLY B 27 11.19 7.70 -17.88
C GLY B 27 10.80 8.46 -16.63
N PRO B 28 10.38 9.74 -16.80
CA PRO B 28 9.76 10.51 -15.76
C PRO B 28 8.45 9.85 -15.32
N VAL B 29 8.11 10.15 -14.10
CA VAL B 29 6.83 9.76 -13.49
C VAL B 29 5.93 10.98 -13.48
N LYS B 30 4.74 10.84 -14.05
CA LYS B 30 3.67 11.84 -13.94
C LYS B 30 2.84 11.55 -12.72
N VAL B 31 2.60 12.54 -11.88
CA VAL B 31 1.88 12.45 -10.61
C VAL B 31 0.68 13.40 -10.69
N TRP B 32 -0.53 12.89 -10.52
CA TRP B 32 -1.71 13.74 -10.64
C TRP B 32 -2.80 13.27 -9.70
N GLY B 33 -3.59 14.20 -9.25
CA GLY B 33 -4.79 13.81 -8.51
C GLY B 33 -5.33 14.99 -7.74
N SER B 34 -5.99 14.72 -6.64
CA SER B 34 -6.62 15.81 -5.88
C SER B 34 -6.56 15.47 -4.40
N ILE B 35 -6.39 16.49 -3.56
CA ILE B 35 -6.47 16.35 -2.08
C ILE B 35 -7.42 17.43 -1.58
N LYS B 36 -8.29 17.08 -0.66
CA LYS B 36 -9.21 18.09 -0.07
C LYS B 36 -9.06 18.12 1.45
N GLY B 37 -9.60 19.17 2.07
CA GLY B 37 -9.61 19.31 3.53
C GLY B 37 -8.36 20.01 4.03
N LEU B 38 -7.57 20.65 3.17
CA LEU B 38 -6.28 21.29 3.52
C LEU B 38 -6.49 22.77 3.83
N THR B 39 -5.60 23.33 4.63
CA THR B 39 -5.50 24.79 4.76
C THR B 39 -4.92 25.38 3.49
N GLU B 40 -5.37 26.57 3.14
CA GLU B 40 -4.89 27.26 1.94
C GLU B 40 -3.36 27.42 2.03
N GLY B 41 -2.65 27.16 0.93
CA GLY B 41 -1.21 27.38 0.83
C GLY B 41 -0.42 26.09 0.63
N LEU B 42 0.85 26.11 1.00
CA LEU B 42 1.79 25.02 0.65
C LEU B 42 1.77 23.93 1.72
N HIS B 43 1.80 22.68 1.25
CA HIS B 43 1.88 21.50 2.13
C HIS B 43 2.95 20.56 1.63
N GLY B 44 3.84 20.17 2.52
CA GLY B 44 4.94 19.28 2.11
C GLY B 44 4.41 17.94 1.64
N PHE B 45 5.04 17.41 0.61
CA PHE B 45 4.51 16.25 -0.14
C PHE B 45 5.67 15.31 -0.34
N HIS B 46 5.63 14.17 0.34
CA HIS B 46 6.81 13.29 0.33
C HIS B 46 6.47 11.82 0.29
N VAL B 47 7.37 11.08 -0.32
CA VAL B 47 7.35 9.59 -0.15
C VAL B 47 8.23 9.25 1.04
N HIS B 48 7.64 8.63 2.06
CA HIS B 48 8.33 8.13 3.26
C HIS B 48 8.73 6.67 3.04
N GLU B 49 9.64 6.19 3.86
CA GLU B 49 10.40 4.96 3.59
C GLU B 49 9.51 3.71 3.74
N PHE B 50 8.67 3.65 4.74
CA PHE B 50 7.93 2.41 5.05
C PHE B 50 6.48 2.53 4.62
N GLY B 51 5.98 1.49 3.97
CA GLY B 51 4.54 1.33 3.70
C GLY B 51 3.83 0.70 4.90
N ASP B 52 4.08 1.25 6.07
CA ASP B 52 3.61 0.74 7.37
C ASP B 52 2.66 1.77 7.97
N ASN B 53 1.39 1.47 8.04
CA ASN B 53 0.37 2.37 8.65
C ASN B 53 -0.14 1.80 9.99
N THR B 54 0.62 0.92 10.60
CA THR B 54 0.24 0.19 11.84
C THR B 54 -0.31 1.17 12.88
N ALA B 55 0.42 2.23 13.13
CA ALA B 55 -0.03 3.20 14.16
C ALA B 55 -0.38 4.51 13.50
N GLY B 56 -0.82 4.47 12.25
CA GLY B 56 -1.11 5.69 11.52
C GLY B 56 0.10 6.19 10.77
N CYS B 57 0.14 7.44 10.37
CA CYS B 57 1.18 7.93 9.43
C CYS B 57 2.56 7.97 10.06
N THR B 58 2.66 7.96 11.38
CA THR B 58 3.97 8.01 12.03
C THR B 58 4.78 6.76 11.71
N SER B 59 4.11 5.61 11.50
CA SER B 59 4.86 4.34 11.30
CA SER B 59 4.77 4.32 11.25
C SER B 59 5.52 4.33 9.92
N ALA B 60 5.27 5.31 9.06
CA ALA B 60 5.92 5.35 7.74
C ALA B 60 7.39 5.72 7.82
N GLY B 61 7.85 6.23 8.97
CA GLY B 61 9.27 6.56 9.16
C GLY B 61 9.69 7.80 8.39
N PRO B 62 11.00 7.95 8.14
CA PRO B 62 11.55 9.16 7.56
C PRO B 62 11.34 9.24 6.05
N HIS B 63 11.84 10.30 5.43
CA HIS B 63 11.69 10.43 3.98
C HIS B 63 12.42 9.27 3.31
N PHE B 64 11.89 8.79 2.18
CA PHE B 64 12.59 7.72 1.42
C PHE B 64 13.90 8.28 0.89
N ASN B 65 15.01 7.70 1.31
CA ASN B 65 16.34 8.27 1.05
C ASN B 65 17.30 7.12 0.82
N PRO B 66 17.07 6.33 -0.24
CA PRO B 66 17.95 5.20 -0.51
C PRO B 66 19.42 5.58 -0.74
N LEU B 67 19.67 6.79 -1.21
CA LEU B 67 21.04 7.22 -1.62
C LEU B 67 21.70 8.03 -0.54
N SER B 68 21.14 8.09 0.69
CA SER B 68 21.82 8.76 1.81
C SER B 68 22.18 10.21 1.49
N ARG B 69 21.24 10.96 0.96
CA ARG B 69 21.46 12.38 0.66
C ARG B 69 20.75 13.24 1.69
N LYS B 70 20.94 14.56 1.62
CA LYS B 70 20.19 15.51 2.44
C LYS B 70 18.87 15.88 1.77
N HIS B 71 17.97 16.44 2.56
CA HIS B 71 16.66 16.93 2.11
C HIS B 71 16.82 18.10 1.16
N GLY B 72 16.01 18.13 0.14
CA GLY B 72 15.94 19.30 -0.74
C GLY B 72 14.60 19.35 -1.44
N GLY B 73 14.53 20.22 -2.43
CA GLY B 73 13.32 20.25 -3.28
C GLY B 73 13.53 19.36 -4.50
N PRO B 74 12.42 19.04 -5.20
CA PRO B 74 12.44 18.08 -6.28
C PRO B 74 13.37 18.47 -7.42
N LYS B 75 13.58 19.77 -7.57
CA LYS B 75 14.45 20.29 -8.65
C LYS B 75 15.94 20.22 -8.28
N ASP B 76 16.25 19.87 -7.05
CA ASP B 76 17.65 19.85 -6.59
C ASP B 76 18.33 18.52 -6.89
N GLU B 77 19.61 18.55 -7.23
CA GLU B 77 20.45 17.34 -7.28
C GLU B 77 20.58 16.77 -5.86
N GLU B 78 20.75 17.64 -4.87
CA GLU B 78 20.86 17.18 -3.48
C GLU B 78 19.45 17.04 -2.92
N ARG B 79 18.87 15.83 -2.99
CA ARG B 79 17.52 15.63 -2.40
C ARG B 79 17.40 14.16 -1.99
N HIS B 80 16.40 13.89 -1.17
CA HIS B 80 15.94 12.51 -0.99
C HIS B 80 15.17 12.05 -2.24
N VAL B 81 15.21 10.77 -2.56
CA VAL B 81 14.31 10.24 -3.61
C VAL B 81 12.86 10.65 -3.31
N GLY B 82 12.41 10.60 -2.06
CA GLY B 82 11.01 10.90 -1.75
C GLY B 82 10.63 12.37 -1.74
N ASP B 83 11.55 13.28 -2.07
CA ASP B 83 11.28 14.73 -1.92
C ASP B 83 10.49 15.28 -3.10
N LEU B 84 9.17 15.41 -2.97
CA LEU B 84 8.31 15.89 -4.06
C LEU B 84 7.87 17.33 -3.77
N GLY B 85 8.50 18.03 -2.83
CA GLY B 85 8.22 19.47 -2.67
C GLY B 85 6.94 19.74 -1.93
N ASN B 86 6.10 20.62 -2.49
CA ASN B 86 4.82 21.04 -1.89
C ASN B 86 3.70 20.89 -2.90
N VAL B 87 2.52 20.57 -2.42
CA VAL B 87 1.29 20.81 -3.21
C VAL B 87 0.66 22.07 -2.64
N THR B 88 -0.21 22.70 -3.43
CA THR B 88 -0.86 23.97 -3.03
C THR B 88 -2.35 23.79 -2.96
N ALA B 89 -2.90 24.08 -1.80
CA ALA B 89 -4.35 24.10 -1.58
C ALA B 89 -4.85 25.53 -1.84
N ASP B 90 -6.00 25.59 -2.51
CA ASP B 90 -6.71 26.85 -2.84
C ASP B 90 -7.55 27.26 -1.63
N LYS B 91 -8.33 28.33 -1.78
CA LYS B 91 -9.09 28.84 -0.61
C LYS B 91 -10.18 27.84 -0.24
N ASP B 92 -10.54 26.90 -1.13
CA ASP B 92 -11.58 25.91 -0.81
C ASP B 92 -10.94 24.68 -0.15
N GLY B 93 -9.61 24.72 0.01
CA GLY B 93 -8.90 23.64 0.70
C GLY B 93 -8.61 22.49 -0.23
N VAL B 94 -8.60 22.75 -1.52
CA VAL B 94 -8.37 21.71 -2.55
C VAL B 94 -7.01 21.92 -3.19
N ALA B 95 -6.18 20.87 -3.18
CA ALA B 95 -4.95 20.83 -3.99
C ALA B 95 -5.21 19.97 -5.23
N ASP B 96 -5.05 20.55 -6.39
CA ASP B 96 -5.04 19.79 -7.66
CA ASP B 96 -5.03 19.81 -7.67
C ASP B 96 -3.57 19.48 -7.96
N VAL B 97 -3.20 18.22 -7.86
CA VAL B 97 -1.78 17.85 -7.92
C VAL B 97 -1.43 17.55 -9.37
N SER B 98 -0.38 18.18 -9.86
N SER B 98 -0.33 18.16 -9.82
CA SER B 98 0.20 17.92 -11.18
CA SER B 98 0.24 18.05 -11.17
C SER B 98 1.71 18.10 -11.07
C SER B 98 1.76 18.13 -11.07
N ILE B 99 2.43 16.98 -10.98
CA ILE B 99 3.90 16.94 -10.81
C ILE B 99 4.48 16.03 -11.88
N GLU B 100 5.67 16.34 -12.37
CA GLU B 100 6.46 15.41 -13.20
C GLU B 100 7.80 15.28 -12.49
N ASP B 101 8.20 14.05 -12.20
CA ASP B 101 9.46 13.86 -11.45
C ASP B 101 10.30 12.81 -12.12
N SER B 102 11.61 13.05 -12.17
N SER B 102 11.60 13.05 -12.15
CA SER B 102 12.58 12.17 -12.87
CA SER B 102 12.57 12.18 -12.86
C SER B 102 13.37 11.31 -11.88
C SER B 102 13.33 11.28 -11.89
N VAL B 103 13.19 11.53 -10.58
CA VAL B 103 13.99 10.81 -9.55
C VAL B 103 13.21 9.61 -8.97
N ILE B 104 11.96 9.81 -8.55
CA ILE B 104 11.12 8.65 -8.20
C ILE B 104 10.98 7.76 -9.42
N SER B 105 10.73 6.49 -9.16
CA SER B 105 10.44 5.50 -10.22
C SER B 105 9.34 4.54 -9.79
N LEU B 106 8.73 3.89 -10.78
CA LEU B 106 7.78 2.80 -10.52
C LEU B 106 8.40 1.46 -10.85
N SER B 107 9.63 1.42 -11.32
CA SER B 107 10.27 0.16 -11.80
C SER B 107 11.79 0.29 -11.73
N GLY B 108 12.49 -0.82 -11.90
CA GLY B 108 13.96 -0.79 -11.99
C GLY B 108 14.62 -0.69 -10.65
N ASP B 109 14.82 0.52 -10.12
CA ASP B 109 15.18 0.77 -8.71
C ASP B 109 14.75 2.20 -8.39
N HIS B 110 14.88 2.63 -7.13
CA HIS B 110 14.30 3.89 -6.59
C HIS B 110 12.77 3.83 -6.64
N CYS B 111 12.30 2.61 -6.50
CA CYS B 111 10.86 2.33 -6.69
C CYS B 111 10.10 2.81 -5.47
N ILE B 112 8.96 3.43 -5.64
CA ILE B 112 8.14 3.95 -4.52
C ILE B 112 7.00 3.00 -4.17
N ILE B 113 6.80 1.94 -4.96
CA ILE B 113 5.74 0.94 -4.67
C ILE B 113 5.96 0.37 -3.27
N GLY B 114 4.88 0.33 -2.49
CA GLY B 114 4.96 -0.30 -1.17
C GLY B 114 5.47 0.65 -0.11
N ARG B 115 5.74 1.91 -0.46
CA ARG B 115 6.15 2.97 0.46
C ARG B 115 4.90 3.78 0.84
N THR B 116 5.06 4.89 1.56
CA THR B 116 3.96 5.73 1.99
C THR B 116 4.10 7.13 1.38
N LEU B 117 3.04 7.67 0.79
CA LEU B 117 2.94 9.07 0.35
C LEU B 117 2.30 9.86 1.50
N VAL B 118 2.89 11.00 1.88
CA VAL B 118 2.40 11.78 3.04
C VAL B 118 2.22 13.24 2.61
N VAL B 119 1.08 13.80 2.96
CA VAL B 119 0.90 15.27 2.85
C VAL B 119 0.96 15.86 4.27
N HIS B 120 1.77 16.91 4.39
CA HIS B 120 2.20 17.45 5.69
C HIS B 120 1.42 18.72 6.03
N GLU B 121 1.48 19.06 7.32
CA GLU B 121 0.77 20.19 7.97
C GLU B 121 1.26 21.53 7.38
N LYS B 122 2.57 21.64 7.25
CA LYS B 122 3.24 22.93 6.93
C LYS B 122 3.88 22.88 5.54
N ALA B 123 4.40 23.99 5.08
CA ALA B 123 5.23 24.07 3.88
C ALA B 123 6.55 23.37 4.17
N ASP B 124 6.96 22.59 3.20
CA ASP B 124 8.35 22.10 3.08
C ASP B 124 9.21 23.27 2.67
N ASP B 125 10.26 23.58 3.46
CA ASP B 125 11.15 24.71 3.13
C ASP B 125 12.20 24.30 2.11
N LEU B 126 12.15 23.05 1.61
CA LEU B 126 13.01 22.55 0.53
C LEU B 126 14.50 22.63 0.91
N GLY B 127 14.78 22.56 2.20
CA GLY B 127 16.17 22.61 2.71
C GLY B 127 16.70 24.04 2.79
N LYS B 128 15.83 25.05 2.73
CA LYS B 128 16.23 26.50 2.82
C LYS B 128 15.56 27.18 4.02
N GLY B 129 15.57 26.52 5.16
CA GLY B 129 14.89 27.01 6.37
C GLY B 129 15.87 27.70 7.29
N GLY B 130 17.16 27.46 7.08
CA GLY B 130 18.24 28.01 7.94
C GLY B 130 18.33 27.34 9.30
N ASN B 131 17.84 26.10 9.46
CA ASN B 131 18.10 25.35 10.73
C ASN B 131 18.52 23.92 10.35
N GLU B 132 18.91 23.14 11.33
CA GLU B 132 19.41 21.77 11.06
C GLU B 132 18.28 20.91 10.48
N GLU B 133 17.06 21.06 10.97
CA GLU B 133 15.92 20.21 10.56
C GLU B 133 15.60 20.46 9.09
N SER B 134 15.90 21.64 8.55
CA SER B 134 15.62 21.97 7.15
C SER B 134 16.18 20.92 6.21
N THR B 135 17.39 20.41 6.48
CA THR B 135 18.04 19.51 5.50
C THR B 135 17.78 18.05 5.91
N LYS B 136 16.79 17.83 6.74
CA LYS B 136 16.33 16.46 7.09
C LYS B 136 14.85 16.31 6.74
N THR B 137 14.00 17.20 7.23
CA THR B 137 12.52 17.05 7.02
C THR B 137 11.95 18.24 6.25
N GLY B 138 12.70 19.34 6.14
CA GLY B 138 12.16 20.57 5.55
C GLY B 138 11.18 21.29 6.45
N ASN B 139 11.08 20.94 7.72
CA ASN B 139 10.21 21.59 8.72
C ASN B 139 8.76 21.57 8.25
N ALA B 140 8.28 20.46 7.68
CA ALA B 140 6.90 20.43 7.13
C ALA B 140 5.88 20.01 8.18
N GLY B 141 6.32 19.71 9.40
CA GLY B 141 5.39 19.43 10.51
C GLY B 141 4.71 18.10 10.34
N SER B 142 3.56 17.98 10.98
CA SER B 142 2.91 16.68 11.21
C SER B 142 2.38 16.14 9.88
N ARG B 143 1.90 14.93 9.96
CA ARG B 143 1.42 14.13 8.82
C ARG B 143 -0.10 14.19 8.85
N LEU B 144 -0.67 14.94 7.93
CA LEU B 144 -2.13 15.16 7.93
C LEU B 144 -2.81 13.94 7.32
N ALA B 145 -2.19 13.35 6.31
CA ALA B 145 -2.81 12.18 5.64
C ALA B 145 -1.73 11.43 4.91
N CYS B 146 -2.00 10.17 4.71
CA CYS B 146 -1.01 9.28 4.09
C CYS B 146 -1.71 8.06 3.51
N GLY B 147 -0.97 7.33 2.68
CA GLY B 147 -1.43 6.01 2.19
C GLY B 147 -0.27 5.23 1.64
N VAL B 148 -0.44 3.91 1.53
CA VAL B 148 0.57 3.03 0.93
C VAL B 148 0.40 3.10 -0.59
N ILE B 149 1.49 3.15 -1.29
CA ILE B 149 1.49 3.30 -2.76
C ILE B 149 1.38 1.92 -3.38
N GLY B 150 0.30 1.69 -4.13
CA GLY B 150 0.02 0.36 -4.64
C GLY B 150 0.00 0.30 -6.17
N ILE B 151 0.11 -0.91 -6.71
CA ILE B 151 0.06 -1.17 -8.16
C ILE B 151 -1.37 -1.03 -8.65
N ALA B 152 -1.56 -0.28 -9.71
CA ALA B 152 -2.88 -0.12 -10.34
C ALA B 152 -2.94 -0.85 -11.68
N GLN B 153 -4.15 -1.05 -12.18
CA GLN B 153 -4.36 -1.67 -13.49
C GLN B 153 -3.84 -0.74 -14.59
C Q7N C . 8.60 -3.41 -5.82
O Q7N C . 11.22 -5.36 -4.64
O1 Q7N C . 11.04 -5.15 0.67
C1 Q7N C . 7.38 -3.51 -6.45
C6 Q7N C . 10.47 -4.38 -4.56
C5 Q7N C . 9.14 -4.52 -5.12
C4 Q7N C . 8.47 -5.83 -5.01
SE Q7N C . 9.19 -7.10 -4.18
C3 Q7N C . 7.23 -5.81 -5.65
C2 Q7N C . 6.66 -4.72 -6.32
N Q7N C . 10.79 -3.19 -4.02
C7 Q7N C . 12.13 -2.90 -3.55
C8 Q7N C . 12.33 -3.18 -2.07
C10 Q7N C . 11.55 -4.08 -1.40
C11 Q7N C . 11.77 -4.29 -0.03
C14 Q7N C . 11.15 -5.13 2.09
C12 Q7N C . 12.83 -3.62 0.60
C13 Q7N C . 13.61 -2.72 -0.06
C9 Q7N C . 13.39 -2.53 -1.43
ZN ZN D . -7.55 -17.46 -6.17
ZN ZN E . -10.80 -12.34 -2.68
CL CL F . -13.04 -12.05 -4.88
C Q7N G . 12.88 -4.51 -7.44
O Q7N G . 9.88 -4.41 -9.32
O1 Q7N G . 7.77 -9.00 -12.23
C1 Q7N G . 13.94 -3.76 -6.95
C6 Q7N G . 10.63 -4.81 -8.43
C5 Q7N G . 11.71 -3.92 -7.95
C4 Q7N G . 11.52 -2.43 -7.98
SE Q7N G . 10.19 -1.65 -8.61
C3 Q7N G . 12.63 -1.76 -7.47
C2 Q7N G . 13.80 -2.36 -6.97
N Q7N G . 10.47 -5.99 -7.80
C7 Q7N G . 9.31 -6.80 -8.12
C8 Q7N G . 9.57 -7.56 -9.40
C10 Q7N G . 8.52 -7.92 -10.23
C11 Q7N G . 8.79 -8.67 -11.39
C14 Q7N G . 6.75 -8.05 -12.58
C12 Q7N G . 10.10 -9.06 -11.69
C13 Q7N G . 11.16 -8.71 -10.86
C9 Q7N G . 10.88 -7.95 -9.71
ZN ZN H . 13.37 14.77 2.27
ZN ZN I . 7.23 14.04 5.45
CL CL J . 8.71 14.18 8.34
#